data_4HGX
#
_entry.id   4HGX
#
_cell.length_a   93.180
_cell.length_b   93.180
_cell.length_c   125.210
_cell.angle_alpha   90.000
_cell.angle_beta   90.000
_cell.angle_gamma   90.000
#
_symmetry.space_group_name_H-M   'P 43 21 2'
#
loop_
_entity.id
_entity.type
_entity.pdbx_description
1 polymer 'Xylose isomerase domain containing protein'
2 non-polymer 'ZINC ION'
3 non-polymer 'ACETATE ION'
4 water water
#
_entity_poly.entity_id   1
_entity_poly.type   'polypeptide(L)'
_entity_poly.pdbx_seq_one_letter_code
;MNIEKTRFCINRKIAPGLSIEAFFRLVKRLEFNKVELRNDMPSGSVTDDLNYNQVRNLAEKYGLEIVTINAVYPFNQLTE
EVVKKTEGLLRDAQGVGARALVLCPLNDGTIVPPEVTVEAIKRLSDLFARYDIQGLVEPLGFRVSSLRSAVWAQQLIREA
GSPFKVLLDTFHHHLYEEAEKEFASRIDISAIGLVHLSGVEDTRPTEALADEQRIMLSEKDVMQNYQQVQRLENMGYRGI
YAFEPFSSQLASWSEAEIEEQINRSVSLLLQ
;
_entity_poly.pdbx_strand_id   A,B
#
loop_
_chem_comp.id
_chem_comp.type
_chem_comp.name
_chem_comp.formula
ACT non-polymer 'ACETATE ION' 'C2 H3 O2 -1'
ZN non-polymer 'ZINC ION' 'Zn 2'
#
# COMPACT_ATOMS: atom_id res chain seq x y z
N MET A 1 30.68 -1.22 -6.23
CA MET A 1 29.62 -1.33 -5.17
C MET A 1 30.08 -0.96 -3.74
N ASN A 2 29.39 0.03 -3.12
CA ASN A 2 29.53 0.28 -1.65
C ASN A 2 28.19 0.33 -0.94
N ILE A 3 28.13 -0.23 0.28
CA ILE A 3 26.90 -0.27 1.09
C ILE A 3 27.30 -0.16 2.56
N GLU A 4 26.56 0.63 3.32
CA GLU A 4 27.04 1.22 4.57
C GLU A 4 27.35 0.44 5.89
N LYS A 5 27.55 -0.88 5.86
CA LYS A 5 28.02 -1.58 7.11
C LYS A 5 27.00 -1.61 8.27
N THR A 6 26.59 -0.42 8.69
CA THR A 6 25.48 -0.27 9.62
C THR A 6 24.23 -0.99 9.07
N ARG A 7 24.22 -1.14 7.74
CA ARG A 7 23.19 -1.86 7.01
C ARG A 7 23.36 -3.38 7.00
N PHE A 8 24.04 -3.94 8.00
CA PHE A 8 24.21 -5.36 7.96
C PHE A 8 23.70 -6.11 9.20
N CYS A 9 22.96 -7.17 8.94
CA CYS A 9 22.35 -7.87 10.04
C CYS A 9 22.75 -9.32 10.05
N ILE A 10 22.95 -9.79 11.28
CA ILE A 10 23.45 -11.14 11.56
C ILE A 10 22.31 -11.95 12.16
N ASN A 11 21.90 -12.96 11.39
CA ASN A 11 20.74 -13.74 11.75
C ASN A 11 21.32 -14.81 12.63
N ARG A 12 20.77 -14.99 13.82
CA ARG A 12 21.21 -16.07 14.76
C ARG A 12 21.39 -17.46 14.18
N LYS A 13 20.57 -17.91 13.26
CA LYS A 13 20.74 -19.28 12.66
C LYS A 13 22.22 -19.60 12.31
N ILE A 14 23.02 -18.53 12.06
CA ILE A 14 24.50 -18.61 11.77
C ILE A 14 25.27 -19.19 12.96
N ALA A 15 24.65 -19.27 14.13
CA ALA A 15 25.39 -19.53 15.34
C ALA A 15 24.57 -20.38 16.25
N PRO A 16 24.35 -21.62 15.84
CA PRO A 16 23.48 -22.41 16.71
C PRO A 16 24.16 -22.71 18.03
N GLY A 17 25.49 -22.76 18.05
CA GLY A 17 26.27 -23.04 19.28
C GLY A 17 26.20 -22.00 20.43
N LEU A 18 26.20 -20.72 20.05
CA LEU A 18 26.35 -19.65 21.03
C LEU A 18 25.09 -19.33 21.84
N SER A 19 25.29 -19.02 23.13
CA SER A 19 24.20 -18.48 23.96
C SER A 19 23.99 -17.06 23.42
N ILE A 20 22.91 -16.41 23.88
CA ILE A 20 22.51 -15.11 23.28
C ILE A 20 23.52 -14.06 23.62
N GLU A 21 23.84 -14.02 24.91
CA GLU A 21 24.98 -13.28 25.45
C GLU A 21 26.17 -13.58 24.51
N ALA A 22 26.64 -14.84 24.50
CA ALA A 22 27.69 -15.30 23.59
C ALA A 22 27.49 -14.79 22.15
N PHE A 23 26.28 -15.03 21.63
CA PHE A 23 25.93 -14.55 20.26
C PHE A 23 26.04 -13.00 20.17
N PHE A 24 25.45 -12.29 21.13
CA PHE A 24 25.57 -10.82 21.13
C PHE A 24 26.99 -10.32 21.20
N ARG A 25 27.70 -10.64 22.31
CA ARG A 25 29.11 -10.19 22.54
C ARG A 25 29.91 -10.40 21.27
N LEU A 26 29.58 -11.45 20.53
CA LEU A 26 30.20 -11.65 19.27
C LEU A 26 30.02 -10.40 18.38
N VAL A 27 28.93 -10.38 17.59
CA VAL A 27 28.45 -9.17 16.87
C VAL A 27 28.74 -7.95 17.75
N LYS A 28 28.91 -6.76 17.20
CA LYS A 28 29.43 -5.63 18.02
C LYS A 28 30.92 -5.78 18.02
N ARG A 29 31.40 -6.77 18.79
CA ARG A 29 32.82 -7.20 18.70
C ARG A 29 33.19 -7.51 17.26
N LEU A 30 32.28 -8.14 16.51
CA LEU A 30 32.52 -8.37 15.07
C LEU A 30 32.23 -7.12 14.20
N GLU A 31 31.93 -5.98 14.84
CA GLU A 31 31.57 -4.71 14.14
C GLU A 31 30.09 -4.25 14.34
N PHE A 32 29.11 -5.02 13.84
CA PHE A 32 27.76 -4.47 13.43
C PHE A 32 26.71 -4.25 14.51
N ASN A 33 25.56 -3.70 14.07
CA ASN A 33 24.48 -3.29 15.03
C ASN A 33 23.10 -3.95 15.01
N LYS A 34 22.86 -4.86 14.07
CA LYS A 34 21.53 -5.46 13.94
C LYS A 34 21.54 -7.00 14.01
N VAL A 35 20.65 -7.58 14.83
CA VAL A 35 20.44 -9.04 14.75
C VAL A 35 19.02 -9.54 14.48
N GLU A 36 18.92 -10.83 14.14
CA GLU A 36 17.64 -11.51 14.13
C GLU A 36 17.66 -12.57 15.15
N LEU A 37 16.68 -12.50 16.08
CA LEU A 37 16.35 -13.68 16.95
C LEU A 37 15.40 -14.74 16.26
N ARG A 38 15.37 -15.97 16.78
CA ARG A 38 14.60 -17.04 16.11
C ARG A 38 13.97 -17.96 17.08
N ASN A 39 12.77 -18.45 16.76
CA ASN A 39 12.09 -19.48 17.55
C ASN A 39 12.38 -20.99 17.19
N ASP A 40 13.36 -21.21 16.31
CA ASP A 40 13.79 -22.53 15.85
C ASP A 40 15.32 -22.84 16.07
N MET A 41 15.93 -22.44 17.19
CA MET A 41 17.22 -22.99 17.54
C MET A 41 17.01 -24.00 18.67
N PRO A 42 18.08 -24.70 19.08
CA PRO A 42 17.97 -25.80 20.02
C PRO A 42 16.96 -25.54 21.14
N SER A 43 16.89 -24.32 21.65
CA SER A 43 16.01 -24.04 22.75
C SER A 43 14.57 -24.19 22.38
N GLY A 44 14.25 -23.88 21.12
CA GLY A 44 12.88 -23.65 20.65
C GLY A 44 12.22 -22.36 21.18
N SER A 45 13.02 -21.42 21.70
CA SER A 45 12.53 -20.27 22.39
C SER A 45 13.29 -19.06 21.88
N VAL A 46 12.58 -17.98 21.66
CA VAL A 46 13.20 -16.81 21.13
C VAL A 46 14.31 -16.24 22.10
N THR A 47 14.08 -16.47 23.39
CA THR A 47 14.94 -16.03 24.44
C THR A 47 15.83 -17.16 25.07
N ASP A 48 15.90 -18.35 24.45
CA ASP A 48 16.26 -19.58 25.17
C ASP A 48 15.63 -19.54 26.57
N ASP A 49 16.26 -20.20 27.53
CA ASP A 49 15.92 -20.07 28.96
C ASP A 49 15.74 -18.65 29.56
N LEU A 50 16.13 -17.58 28.86
CA LEU A 50 16.01 -16.23 29.44
C LEU A 50 14.57 -15.66 29.62
N ASN A 51 14.49 -14.42 30.08
CA ASN A 51 13.25 -13.67 30.08
C ASN A 51 13.52 -12.35 29.31
N TYR A 52 12.43 -11.63 29.04
CA TYR A 52 12.47 -10.47 28.17
C TYR A 52 13.50 -9.43 28.63
N ASN A 53 13.51 -9.19 29.92
CA ASN A 53 14.51 -8.30 30.52
C ASN A 53 15.94 -8.68 30.13
N GLN A 54 16.32 -9.91 30.49
CA GLN A 54 17.73 -10.31 30.37
C GLN A 54 18.23 -10.03 28.96
N VAL A 55 17.47 -10.57 28.00
CA VAL A 55 17.68 -10.31 26.58
C VAL A 55 17.69 -8.84 26.25
N ARG A 56 16.68 -8.10 26.73
CA ARG A 56 16.54 -6.71 26.30
C ARG A 56 17.83 -5.97 26.72
N ASN A 57 18.15 -6.09 28.01
CA ASN A 57 19.38 -5.50 28.51
C ASN A 57 20.58 -6.00 27.69
N LEU A 58 20.60 -7.29 27.36
CA LEU A 58 21.72 -7.78 26.58
C LEU A 58 21.76 -7.11 25.23
N ALA A 59 20.62 -6.69 24.70
CA ALA A 59 20.72 -5.92 23.46
C ALA A 59 21.24 -4.46 23.72
N GLU A 60 20.84 -3.88 24.85
CA GLU A 60 21.31 -2.56 25.27
C GLU A 60 22.82 -2.63 25.40
N LYS A 61 23.34 -3.50 26.30
CA LYS A 61 24.81 -3.64 26.51
C LYS A 61 25.66 -3.68 25.21
N TYR A 62 25.19 -4.38 24.20
CA TYR A 62 26.00 -4.58 23.00
C TYR A 62 25.56 -3.65 21.95
N GLY A 63 24.70 -2.71 22.38
CA GLY A 63 24.09 -1.72 21.50
C GLY A 63 23.63 -2.37 20.20
N LEU A 64 22.77 -3.40 20.31
CA LEU A 64 22.24 -4.04 19.08
C LEU A 64 20.72 -3.82 18.84
N GLU A 65 20.30 -3.65 17.59
CA GLU A 65 18.85 -3.70 17.26
C GLU A 65 18.46 -5.17 16.94
N ILE A 66 17.54 -5.74 17.73
CA ILE A 66 16.81 -6.96 17.22
C ILE A 66 15.78 -6.63 16.13
N VAL A 67 16.23 -6.72 14.88
CA VAL A 67 15.52 -6.34 13.66
C VAL A 67 14.23 -7.16 13.44
N THR A 68 14.31 -8.52 13.60
CA THR A 68 13.21 -9.50 13.40
C THR A 68 13.29 -10.68 14.37
N ILE A 69 12.14 -11.35 14.51
CA ILE A 69 12.07 -12.73 14.91
C ILE A 69 11.62 -13.64 13.74
N ASN A 70 12.39 -14.69 13.45
CA ASN A 70 11.96 -15.76 12.52
C ASN A 70 11.52 -16.85 13.43
N ALA A 71 10.31 -17.40 13.22
CA ALA A 71 9.30 -16.93 12.27
C ALA A 71 8.00 -17.54 12.68
N VAL A 72 6.91 -17.05 12.10
CA VAL A 72 5.57 -17.61 12.18
C VAL A 72 5.39 -18.52 10.96
N TYR A 73 4.96 -19.76 11.19
CA TYR A 73 4.67 -20.68 10.09
C TYR A 73 3.51 -21.51 10.55
N PRO A 74 2.53 -21.79 9.65
CA PRO A 74 2.31 -21.24 8.33
C PRO A 74 1.41 -20.07 8.47
N PHE A 75 1.82 -18.87 8.11
CA PHE A 75 1.05 -17.69 8.55
C PHE A 75 -0.30 -17.61 7.85
N ASN A 76 -0.23 -17.87 6.58
CA ASN A 76 -1.17 -18.32 5.64
C ASN A 76 -2.30 -19.28 6.01
N GLN A 77 -2.11 -20.15 6.99
CA GLN A 77 -3.06 -21.19 7.22
C GLN A 77 -3.49 -21.00 8.63
N LEU A 78 -4.25 -19.92 8.83
CA LEU A 78 -4.29 -19.24 10.11
C LEU A 78 -5.41 -19.71 11.05
N THR A 79 -5.27 -20.99 11.48
CA THR A 79 -6.18 -21.63 12.41
C THR A 79 -6.08 -20.94 13.75
N GLU A 80 -7.03 -21.11 14.66
CA GLU A 80 -6.85 -20.59 16.06
C GLU A 80 -5.57 -21.08 16.79
N GLU A 81 -5.13 -22.32 16.56
CA GLU A 81 -3.81 -22.77 17.03
C GLU A 81 -2.68 -21.88 16.57
N VAL A 82 -2.53 -21.75 15.25
CA VAL A 82 -1.66 -20.73 14.69
C VAL A 82 -1.82 -19.33 15.25
N VAL A 83 -3.07 -18.82 15.36
CA VAL A 83 -3.24 -17.52 15.98
C VAL A 83 -2.64 -17.52 17.39
N LYS A 84 -3.04 -18.39 18.29
CA LYS A 84 -2.33 -18.47 19.59
C LYS A 84 -0.78 -18.52 19.51
N LYS A 85 -0.25 -19.39 18.66
CA LYS A 85 1.20 -19.43 18.41
C LYS A 85 1.81 -18.09 17.94
N THR A 86 1.22 -17.47 16.92
CA THR A 86 1.58 -16.09 16.50
C THR A 86 1.54 -15.14 17.70
N GLU A 87 0.45 -15.13 18.47
CA GLU A 87 0.41 -14.21 19.63
C GLU A 87 1.67 -14.34 20.51
N GLY A 88 2.14 -15.60 20.69
CA GLY A 88 3.39 -16.00 21.40
C GLY A 88 4.52 -15.16 20.84
N LEU A 89 4.66 -15.28 19.54
CA LEU A 89 5.76 -14.65 18.95
C LEU A 89 5.65 -13.11 19.11
N LEU A 90 4.45 -12.54 19.16
CA LEU A 90 4.33 -11.09 19.25
C LEU A 90 4.69 -10.62 20.65
N ARG A 91 4.21 -11.38 21.62
CA ARG A 91 4.68 -11.26 22.99
C ARG A 91 6.22 -11.32 23.06
N ASP A 92 6.84 -12.31 22.40
CA ASP A 92 8.31 -12.37 22.28
C ASP A 92 8.89 -11.15 21.68
N ALA A 93 8.41 -10.75 20.52
CA ALA A 93 9.03 -9.61 19.86
C ALA A 93 8.74 -8.36 20.67
N GLN A 94 7.52 -8.16 21.13
CA GLN A 94 7.33 -6.94 21.93
C GLN A 94 8.27 -7.01 23.10
N GLY A 95 8.24 -8.15 23.82
CA GLY A 95 9.17 -8.42 24.93
C GLY A 95 10.68 -8.10 24.79
N VAL A 96 11.26 -8.25 23.60
CA VAL A 96 12.72 -8.14 23.44
C VAL A 96 13.04 -6.92 22.64
N GLY A 97 11.96 -6.27 22.20
CA GLY A 97 12.06 -5.02 21.46
C GLY A 97 12.51 -5.33 20.06
N ALA A 98 12.13 -6.51 19.54
CA ALA A 98 12.19 -6.83 18.07
C ALA A 98 11.28 -5.87 17.33
N ARG A 99 11.62 -5.58 16.07
CA ARG A 99 10.79 -4.66 15.30
C ARG A 99 9.88 -5.38 14.31
N ALA A 100 10.14 -6.67 14.08
CA ALA A 100 9.39 -7.46 13.12
C ALA A 100 9.35 -8.93 13.46
N LEU A 101 8.32 -9.56 12.95
CA LEU A 101 8.13 -10.97 13.07
C LEU A 101 8.01 -11.37 11.63
N VAL A 102 8.49 -12.56 11.33
CA VAL A 102 8.74 -12.98 9.97
C VAL A 102 7.59 -13.91 9.83
N LEU A 103 7.00 -13.86 8.65
CA LEU A 103 5.84 -14.66 8.32
C LEU A 103 6.21 -15.60 7.16
N CYS A 104 5.99 -16.90 7.34
CA CYS A 104 6.33 -17.90 6.36
C CYS A 104 5.04 -18.62 5.88
N PRO A 105 4.84 -18.79 4.53
CA PRO A 105 3.63 -19.39 3.95
C PRO A 105 3.67 -20.88 4.18
N LEU A 106 2.52 -21.54 3.96
CA LEU A 106 2.34 -22.96 4.20
C LEU A 106 3.25 -23.60 3.18
N ASN A 107 3.98 -24.64 3.57
CA ASN A 107 4.96 -25.15 2.60
C ASN A 107 4.92 -26.64 2.45
N ASP A 108 3.74 -27.15 2.04
CA ASP A 108 3.46 -28.58 2.06
C ASP A 108 2.64 -29.10 0.87
N GLY A 109 2.65 -28.39 -0.26
CA GLY A 109 1.96 -28.90 -1.45
C GLY A 109 0.48 -28.61 -1.55
N THR A 110 -0.07 -28.02 -0.50
CA THR A 110 -1.49 -27.62 -0.36
C THR A 110 -1.62 -26.17 -0.86
N ILE A 111 -2.65 -25.96 -1.64
CA ILE A 111 -2.90 -24.68 -2.19
C ILE A 111 -3.41 -23.83 -1.04
N VAL A 112 -2.84 -22.66 -0.86
CA VAL A 112 -3.53 -21.67 -0.08
C VAL A 112 -4.01 -20.58 -1.03
N PRO A 113 -5.32 -20.48 -1.27
CA PRO A 113 -5.81 -19.54 -2.25
C PRO A 113 -5.30 -18.15 -1.97
N PRO A 114 -5.03 -17.34 -3.03
CA PRO A 114 -4.76 -15.90 -2.76
C PRO A 114 -5.82 -15.20 -1.84
N GLU A 115 -7.09 -15.44 -2.06
CA GLU A 115 -8.06 -14.81 -1.19
C GLU A 115 -7.83 -15.05 0.29
N VAL A 116 -7.43 -16.30 0.64
CA VAL A 116 -7.10 -16.67 2.02
C VAL A 116 -5.78 -16.06 2.55
N THR A 117 -4.73 -16.12 1.77
CA THR A 117 -3.54 -15.37 2.22
C THR A 117 -3.86 -13.87 2.40
N VAL A 118 -4.59 -13.28 1.46
CA VAL A 118 -5.08 -11.88 1.64
C VAL A 118 -5.87 -11.74 2.95
N GLU A 119 -6.83 -12.64 3.25
CA GLU A 119 -7.47 -12.58 4.64
C GLU A 119 -6.48 -12.75 5.81
N ALA A 120 -5.61 -13.76 5.70
CA ALA A 120 -4.63 -13.98 6.75
C ALA A 120 -3.78 -12.77 6.94
N ILE A 121 -3.41 -12.05 5.86
CA ILE A 121 -2.68 -10.84 5.98
C ILE A 121 -3.50 -9.73 6.70
N LYS A 122 -4.81 -9.66 6.43
CA LYS A 122 -5.64 -8.63 7.12
C LYS A 122 -5.61 -8.94 8.58
N ARG A 123 -5.95 -10.18 8.91
CA ARG A 123 -6.13 -10.55 10.30
C ARG A 123 -4.78 -10.39 11.03
N LEU A 124 -3.66 -10.77 10.44
CA LEU A 124 -2.37 -10.57 11.11
C LEU A 124 -1.99 -9.12 11.19
N SER A 125 -2.45 -8.30 10.28
CA SER A 125 -2.06 -6.94 10.46
C SER A 125 -2.81 -6.39 11.69
N ASP A 126 -4.08 -6.71 11.89
CA ASP A 126 -4.70 -6.29 13.15
C ASP A 126 -3.90 -6.74 14.32
N LEU A 127 -3.63 -8.00 14.34
CA LEU A 127 -3.12 -8.60 15.50
C LEU A 127 -1.74 -8.07 15.74
N PHE A 128 -0.92 -7.92 14.69
CA PHE A 128 0.34 -7.21 14.93
C PHE A 128 0.21 -5.78 15.53
N ALA A 129 -0.75 -4.97 15.07
CA ALA A 129 -0.84 -3.56 15.46
C ALA A 129 -0.98 -3.51 16.99
N ARG A 130 -1.65 -4.53 17.48
CA ARG A 130 -1.93 -4.81 18.87
C ARG A 130 -0.73 -5.00 19.75
N TYR A 131 0.45 -5.25 19.13
CA TYR A 131 1.74 -5.45 19.83
C TYR A 131 2.77 -4.52 19.26
N ASP A 132 2.35 -3.69 18.32
CA ASP A 132 3.25 -2.73 17.73
C ASP A 132 4.47 -3.41 17.17
N ILE A 133 4.25 -4.53 16.48
CA ILE A 133 5.25 -5.29 15.71
C ILE A 133 5.00 -5.10 14.18
N GLN A 134 6.05 -4.94 13.36
CA GLN A 134 5.96 -5.02 11.90
C GLN A 134 5.91 -6.46 11.36
N GLY A 135 5.42 -6.63 10.16
CA GLY A 135 5.37 -7.94 9.59
C GLY A 135 6.26 -8.08 8.40
N LEU A 136 6.74 -9.27 8.12
CA LEU A 136 7.55 -9.41 6.92
C LEU A 136 7.12 -10.71 6.37
N VAL A 137 6.71 -10.71 5.13
CA VAL A 137 6.23 -11.92 4.48
C VAL A 137 7.40 -12.43 3.64
N GLU A 138 7.79 -13.70 3.89
CA GLU A 138 8.91 -14.34 3.15
C GLU A 138 8.44 -15.41 2.19
N PRO A 139 8.31 -15.04 0.91
CA PRO A 139 7.96 -16.11 0.05
C PRO A 139 9.06 -17.22 0.13
N LEU A 140 8.65 -18.50 0.01
CA LEU A 140 9.54 -19.65 0.05
C LEU A 140 9.58 -20.12 -1.36
N GLY A 141 10.79 -20.50 -1.83
CA GLY A 141 10.95 -20.87 -3.27
C GLY A 141 10.35 -22.19 -3.72
N PHE A 142 10.44 -23.19 -2.83
CA PHE A 142 10.17 -24.59 -3.15
C PHE A 142 8.89 -24.78 -3.97
N ARG A 143 8.91 -25.76 -4.87
CA ARG A 143 7.75 -26.06 -5.64
C ARG A 143 6.52 -26.31 -4.76
N VAL A 144 6.72 -26.65 -3.49
CA VAL A 144 5.61 -27.01 -2.55
C VAL A 144 5.11 -25.82 -1.68
N SER A 145 5.80 -24.67 -1.82
CA SER A 145 5.46 -23.44 -1.19
C SER A 145 4.16 -22.94 -1.74
N SER A 146 3.24 -22.61 -0.84
CA SER A 146 1.92 -22.00 -1.17
C SER A 146 1.99 -20.46 -1.47
N LEU A 147 3.16 -19.85 -1.37
CA LEU A 147 3.33 -18.51 -1.90
C LEU A 147 4.79 -18.32 -2.40
N ARG A 148 4.99 -18.39 -3.70
CA ARG A 148 6.36 -18.51 -4.17
C ARG A 148 7.02 -17.14 -4.54
N SER A 149 6.22 -16.21 -5.06
CA SER A 149 6.73 -15.04 -5.70
C SER A 149 6.76 -13.77 -4.81
N ALA A 150 7.88 -13.06 -4.74
CA ALA A 150 7.88 -11.80 -4.03
C ALA A 150 6.94 -10.69 -4.68
N VAL A 151 6.74 -10.81 -5.99
CA VAL A 151 5.85 -9.89 -6.72
C VAL A 151 4.43 -10.19 -6.30
N TRP A 152 4.06 -11.46 -6.29
CA TRP A 152 2.70 -11.81 -5.96
C TRP A 152 2.36 -11.39 -4.52
N ALA A 153 3.25 -11.72 -3.61
CA ALA A 153 3.11 -11.36 -2.21
C ALA A 153 2.98 -9.82 -2.06
N GLN A 154 3.70 -9.06 -2.87
CA GLN A 154 3.45 -7.58 -2.81
C GLN A 154 2.04 -7.25 -3.32
N GLN A 155 1.66 -7.85 -4.44
CA GLN A 155 0.29 -7.77 -4.91
C GLN A 155 -0.67 -8.04 -3.75
N LEU A 156 -0.45 -9.12 -3.01
CA LEU A 156 -1.47 -9.54 -2.03
C LEU A 156 -1.40 -8.69 -0.75
N ILE A 157 -0.23 -8.13 -0.45
CA ILE A 157 -0.15 -7.24 0.67
C ILE A 157 -0.85 -5.96 0.29
N ARG A 158 -0.68 -5.47 -0.93
CA ARG A 158 -1.37 -4.23 -1.33
C ARG A 158 -2.86 -4.39 -1.23
N GLU A 159 -3.31 -5.61 -1.47
CA GLU A 159 -4.72 -5.85 -1.54
C GLU A 159 -5.27 -5.93 -0.18
N ALA A 160 -4.54 -6.49 0.78
CA ALA A 160 -5.06 -6.53 2.14
C ALA A 160 -5.01 -5.13 2.71
N GLY A 161 -4.31 -4.24 2.02
CA GLY A 161 -4.09 -2.90 2.48
C GLY A 161 -3.19 -2.83 3.70
N SER A 162 -2.11 -3.61 3.71
CA SER A 162 -1.33 -3.92 4.93
C SER A 162 -0.03 -3.15 4.95
N PRO A 163 0.44 -2.68 6.12
CA PRO A 163 1.73 -2.03 6.13
C PRO A 163 2.87 -3.08 6.12
N PHE A 164 2.53 -4.38 6.12
CA PHE A 164 3.54 -5.46 6.03
C PHE A 164 4.43 -5.27 4.80
N LYS A 165 5.67 -5.79 4.88
CA LYS A 165 6.50 -5.87 3.69
C LYS A 165 6.93 -7.26 3.38
N VAL A 166 7.51 -7.45 2.18
CA VAL A 166 8.15 -8.70 1.80
C VAL A 166 9.57 -8.87 2.38
N LEU A 167 9.91 -10.10 2.76
CA LEU A 167 11.28 -10.43 3.09
C LEU A 167 11.92 -11.13 1.90
N LEU A 168 12.81 -10.46 1.17
CA LEU A 168 13.48 -11.14 0.03
C LEU A 168 14.63 -11.97 0.55
N ASP A 169 14.52 -13.27 0.29
CA ASP A 169 15.49 -14.25 0.71
C ASP A 169 16.13 -14.78 -0.59
N THR A 170 17.45 -14.61 -0.67
CA THR A 170 18.20 -14.85 -1.90
C THR A 170 18.06 -16.23 -2.49
N PHE A 171 17.94 -17.21 -1.60
CA PHE A 171 17.78 -18.57 -1.99
C PHE A 171 16.40 -18.80 -2.51
N HIS A 172 15.41 -18.25 -1.82
CA HIS A 172 14.01 -18.50 -2.25
C HIS A 172 13.75 -17.79 -3.51
N HIS A 173 14.35 -16.61 -3.67
CA HIS A 173 14.33 -15.93 -4.96
C HIS A 173 14.98 -16.79 -6.01
N HIS A 174 16.24 -17.15 -5.78
CA HIS A 174 16.97 -18.03 -6.70
C HIS A 174 16.19 -19.23 -7.13
N LEU A 175 15.49 -19.80 -6.18
CA LEU A 175 14.78 -21.04 -6.35
C LEU A 175 13.46 -20.88 -7.07
N TYR A 176 13.18 -19.71 -7.59
CA TYR A 176 11.86 -19.50 -8.21
C TYR A 176 12.04 -18.94 -9.61
N GLU A 177 11.59 -19.75 -10.57
CA GLU A 177 12.04 -19.62 -11.96
C GLU A 177 11.75 -18.22 -12.48
N GLU A 178 10.46 -17.87 -12.49
CA GLU A 178 9.94 -16.62 -13.11
C GLU A 178 10.13 -15.33 -12.26
N ALA A 179 11.39 -14.95 -12.11
CA ALA A 179 11.81 -13.62 -11.71
C ALA A 179 13.16 -13.41 -12.44
N GLU A 180 13.75 -12.22 -12.38
CA GLU A 180 14.95 -11.83 -13.17
C GLU A 180 14.58 -11.69 -14.67
N LYS A 181 14.54 -10.43 -15.15
CA LYS A 181 13.96 -10.06 -16.48
C LYS A 181 12.43 -10.38 -16.60
N GLU A 182 11.76 -10.40 -15.44
CA GLU A 182 10.27 -10.43 -15.27
C GLU A 182 9.99 -9.81 -13.88
N PHE A 183 10.97 -9.95 -12.99
CA PHE A 183 11.26 -9.13 -11.81
C PHE A 183 11.74 -7.75 -12.36
N ALA A 184 12.24 -6.87 -11.48
CA ALA A 184 12.92 -5.62 -11.87
C ALA A 184 12.01 -4.40 -11.97
N SER A 185 11.10 -4.47 -12.93
CA SER A 185 10.04 -3.46 -13.04
C SER A 185 8.83 -3.90 -12.19
N ARG A 186 8.52 -5.19 -12.22
CA ARG A 186 7.38 -5.71 -11.49
C ARG A 186 7.50 -5.57 -9.94
N ILE A 187 8.71 -5.34 -9.45
CA ILE A 187 8.98 -5.39 -8.04
C ILE A 187 9.22 -4.00 -7.47
N ASP A 188 8.95 -3.84 -6.17
CA ASP A 188 8.75 -2.52 -5.55
C ASP A 188 9.54 -2.43 -4.27
N ILE A 189 10.70 -1.80 -4.37
CA ILE A 189 11.71 -1.84 -3.33
C ILE A 189 11.38 -0.98 -2.11
N SER A 190 10.53 0.01 -2.33
CA SER A 190 9.76 0.58 -1.21
C SER A 190 9.35 -0.48 -0.14
N ALA A 191 8.81 -1.61 -0.61
CA ALA A 191 8.00 -2.58 0.18
C ALA A 191 8.74 -3.95 0.36
N ILE A 192 10.05 -3.92 0.08
CA ILE A 192 10.97 -4.90 0.59
C ILE A 192 11.54 -4.29 1.86
N GLY A 193 11.30 -4.92 2.99
CA GLY A 193 11.76 -4.34 4.23
C GLY A 193 12.82 -5.19 4.93
N LEU A 194 13.33 -6.21 4.26
CA LEU A 194 14.45 -7.01 4.75
C LEU A 194 14.92 -7.91 3.65
N VAL A 195 16.23 -8.19 3.69
CA VAL A 195 16.86 -9.07 2.69
C VAL A 195 17.76 -10.04 3.41
N HIS A 196 17.53 -11.31 3.14
CA HIS A 196 18.21 -12.37 3.79
C HIS A 196 19.12 -12.86 2.72
N LEU A 197 20.42 -12.87 3.05
CA LEU A 197 21.48 -13.37 2.20
C LEU A 197 22.00 -14.71 2.76
N SER A 198 22.36 -15.60 1.84
CA SER A 198 23.05 -16.83 2.17
C SER A 198 23.55 -17.33 0.83
N GLY A 199 24.72 -17.97 0.80
CA GLY A 199 25.24 -18.51 -0.46
C GLY A 199 25.20 -20.03 -0.59
N VAL A 200 24.99 -20.51 -1.82
CA VAL A 200 25.02 -21.96 -2.14
C VAL A 200 26.07 -22.35 -3.21
N GLU A 201 27.34 -22.43 -2.76
CA GLU A 201 28.49 -23.01 -3.53
C GLU A 201 28.25 -24.36 -4.28
N ASP A 202 27.45 -25.26 -3.71
CA ASP A 202 27.00 -26.58 -4.26
C ASP A 202 26.50 -26.68 -5.69
N THR A 203 27.19 -27.53 -6.47
CA THR A 203 26.97 -27.86 -7.90
C THR A 203 25.70 -28.69 -8.28
N ARG A 204 24.84 -29.00 -7.29
CA ARG A 204 23.56 -29.77 -7.48
C ARG A 204 22.59 -29.03 -8.45
N PRO A 205 21.41 -29.62 -8.75
CA PRO A 205 20.49 -28.77 -9.48
C PRO A 205 19.57 -27.93 -8.56
N THR A 206 19.49 -26.63 -8.87
CA THR A 206 18.55 -25.69 -8.24
C THR A 206 17.17 -26.32 -8.00
N GLU A 207 16.62 -26.96 -9.06
CA GLU A 207 15.20 -27.36 -9.13
C GLU A 207 14.71 -28.25 -7.97
N ALA A 208 15.67 -28.83 -7.22
CA ALA A 208 15.40 -29.50 -5.92
C ALA A 208 16.55 -29.43 -4.89
N LEU A 209 17.07 -28.22 -4.61
CA LEU A 209 18.03 -27.95 -3.50
C LEU A 209 17.28 -27.57 -2.19
N ALA A 210 17.98 -27.51 -1.03
CA ALA A 210 17.27 -27.21 0.25
C ALA A 210 17.92 -26.24 1.30
N ASP A 211 17.21 -26.00 2.42
CA ASP A 211 17.74 -25.11 3.48
C ASP A 211 19.16 -25.56 3.98
N GLU A 212 19.41 -26.89 3.89
CA GLU A 212 20.67 -27.58 4.24
C GLU A 212 21.90 -27.24 3.39
N GLN A 213 21.65 -26.87 2.13
CA GLN A 213 22.66 -26.48 1.12
C GLN A 213 23.10 -24.99 1.19
N ARG A 214 22.79 -24.31 2.31
CA ARG A 214 23.07 -22.86 2.47
C ARG A 214 24.25 -22.57 3.40
N ILE A 215 25.47 -22.49 2.86
CA ILE A 215 26.63 -21.93 3.59
C ILE A 215 26.58 -20.37 3.52
N MET A 216 27.71 -19.71 3.81
CA MET A 216 27.82 -18.24 3.72
C MET A 216 28.26 -17.74 2.34
N LEU A 217 28.83 -16.53 2.25
CA LEU A 217 29.16 -15.89 0.94
C LEU A 217 30.63 -16.00 0.43
N SER A 218 30.80 -16.25 -0.88
CA SER A 218 32.11 -16.07 -1.58
C SER A 218 32.08 -16.49 -3.06
N GLU A 219 33.04 -15.96 -3.83
CA GLU A 219 33.10 -16.21 -5.27
C GLU A 219 32.79 -17.69 -5.65
N LYS A 220 32.03 -17.86 -6.74
CA LYS A 220 31.24 -19.09 -7.02
C LYS A 220 30.43 -19.69 -5.82
N ASP A 221 29.49 -18.89 -5.31
CA ASP A 221 28.24 -19.43 -4.83
C ASP A 221 27.30 -19.30 -6.02
N VAL A 222 26.73 -20.40 -6.47
CA VAL A 222 25.90 -20.38 -7.68
C VAL A 222 24.65 -19.46 -7.56
N MET A 223 24.44 -18.89 -6.37
CA MET A 223 23.43 -17.82 -6.12
C MET A 223 24.05 -16.44 -6.40
N GLN A 224 23.34 -15.60 -7.12
CA GLN A 224 23.89 -14.30 -7.52
C GLN A 224 23.79 -13.27 -6.40
N ASN A 225 24.38 -13.59 -5.25
CA ASN A 225 24.42 -12.66 -4.12
C ASN A 225 24.89 -11.24 -4.47
N TYR A 226 26.03 -11.12 -5.15
CA TYR A 226 26.45 -9.84 -5.70
C TYR A 226 25.41 -9.32 -6.70
N GLN A 227 25.06 -10.12 -7.72
CA GLN A 227 24.17 -9.64 -8.80
C GLN A 227 22.73 -9.36 -8.36
N GLN A 228 22.34 -9.93 -7.23
CA GLN A 228 21.06 -9.60 -6.59
C GLN A 228 21.24 -8.33 -5.76
N VAL A 229 22.28 -8.35 -4.95
CA VAL A 229 22.61 -7.19 -4.17
C VAL A 229 23.02 -5.99 -4.98
N GLN A 230 23.65 -6.23 -6.15
CA GLN A 230 24.03 -5.18 -7.10
C GLN A 230 22.76 -4.51 -7.56
N ARG A 231 21.80 -5.33 -7.98
CA ARG A 231 20.54 -4.80 -8.50
C ARG A 231 19.69 -4.15 -7.42
N LEU A 232 19.71 -4.71 -6.20
CA LEU A 232 18.89 -4.22 -5.12
C LEU A 232 19.34 -2.82 -4.79
N GLU A 233 20.62 -2.61 -5.01
CA GLU A 233 21.27 -1.36 -4.71
C GLU A 233 20.97 -0.37 -5.81
N ASN A 234 21.34 -0.77 -7.04
CA ASN A 234 20.95 -0.10 -8.28
C ASN A 234 19.56 0.47 -8.21
N MET A 235 18.67 -0.23 -7.50
CA MET A 235 17.23 0.03 -7.51
C MET A 235 16.67 0.94 -6.44
N GLY A 236 17.39 1.07 -5.34
CA GLY A 236 17.01 2.04 -4.32
C GLY A 236 17.22 1.52 -2.91
N TYR A 237 17.39 0.19 -2.78
CA TYR A 237 17.37 -0.48 -1.46
C TYR A 237 18.34 0.19 -0.47
N ARG A 238 17.79 0.79 0.55
CA ARG A 238 18.54 1.40 1.63
C ARG A 238 18.22 0.64 2.95
N GLY A 239 17.59 -0.51 2.78
CA GLY A 239 17.24 -1.31 3.94
C GLY A 239 18.31 -2.32 4.30
N ILE A 240 18.00 -3.15 5.32
CA ILE A 240 18.89 -4.12 5.93
C ILE A 240 19.21 -5.32 5.05
N TYR A 241 20.45 -5.80 5.20
CA TYR A 241 20.93 -7.14 4.72
C TYR A 241 21.27 -8.02 5.90
N ALA A 242 20.87 -9.28 5.82
CA ALA A 242 21.13 -10.20 6.93
C ALA A 242 21.60 -11.51 6.42
N PHE A 243 22.54 -12.06 7.17
CA PHE A 243 23.08 -13.35 6.81
C PHE A 243 22.27 -14.42 7.50
N GLU A 244 21.53 -15.12 6.67
CA GLU A 244 20.76 -16.23 7.18
C GLU A 244 21.16 -17.47 6.35
N PRO A 245 22.36 -17.98 6.64
CA PRO A 245 22.72 -19.28 6.15
C PRO A 245 22.12 -20.32 7.12
N PHE A 246 21.77 -21.50 6.58
CA PHE A 246 21.24 -22.64 7.38
C PHE A 246 22.19 -23.85 7.53
N SER A 247 22.19 -24.75 6.55
CA SER A 247 23.19 -25.85 6.44
C SER A 247 23.94 -26.37 7.71
N SER A 248 24.21 -27.67 7.78
CA SER A 248 24.90 -28.28 8.92
C SER A 248 26.32 -27.77 9.13
N GLN A 249 26.88 -27.09 8.12
CA GLN A 249 28.25 -26.57 8.17
C GLN A 249 28.46 -25.34 9.13
N LEU A 250 27.38 -24.62 9.43
CA LEU A 250 27.36 -23.74 10.60
C LEU A 250 27.56 -24.54 11.91
N ALA A 251 28.03 -25.79 11.78
CA ALA A 251 28.35 -26.72 12.90
C ALA A 251 29.86 -26.74 13.31
N SER A 252 30.76 -26.46 12.35
CA SER A 252 32.17 -26.15 12.64
C SER A 252 32.21 -24.72 13.27
N TRP A 253 33.12 -23.87 12.85
CA TRP A 253 33.09 -22.43 13.19
C TRP A 253 33.13 -22.18 14.67
N SER A 254 34.33 -22.02 15.20
CA SER A 254 34.49 -21.41 16.51
C SER A 254 33.83 -20.03 16.49
N GLU A 255 33.62 -19.44 17.67
CA GLU A 255 33.19 -18.02 17.75
C GLU A 255 34.07 -17.13 16.86
N ALA A 256 35.25 -17.67 16.51
CA ALA A 256 36.16 -17.01 15.62
C ALA A 256 36.00 -17.50 14.16
N GLU A 257 35.47 -18.71 13.93
CA GLU A 257 35.26 -19.08 12.54
C GLU A 257 34.09 -18.27 11.96
N ILE A 258 32.92 -18.39 12.55
CA ILE A 258 31.80 -17.50 12.23
C ILE A 258 32.33 -16.07 12.00
N GLU A 259 33.12 -15.55 12.94
CA GLU A 259 33.66 -14.20 12.81
C GLU A 259 34.19 -13.95 11.38
N GLU A 260 34.94 -14.90 10.81
CA GLU A 260 35.58 -14.63 9.50
C GLU A 260 34.68 -14.86 8.26
N GLN A 261 33.90 -15.96 8.19
CA GLN A 261 33.08 -16.28 6.98
C GLN A 261 31.93 -15.27 6.79
N ILE A 262 31.70 -14.46 7.82
CA ILE A 262 30.90 -13.26 7.66
C ILE A 262 31.61 -12.23 6.76
N ASN A 263 32.87 -12.49 6.38
CA ASN A 263 33.74 -11.43 5.82
C ASN A 263 34.21 -11.79 4.44
N ARG A 264 34.57 -13.05 4.24
CA ARG A 264 34.35 -13.63 2.90
C ARG A 264 33.10 -12.94 2.27
N SER A 265 31.95 -13.17 2.92
CA SER A 265 30.69 -12.40 2.76
C SER A 265 30.84 -10.91 3.23
N VAL A 266 30.36 -9.93 2.47
CA VAL A 266 30.81 -8.52 2.59
C VAL A 266 32.07 -8.46 1.69
N SER A 267 31.94 -9.17 0.57
CA SER A 267 32.92 -9.11 -0.47
C SER A 267 33.12 -7.61 -0.87
N LEU A 268 32.12 -6.75 -0.58
CA LEU A 268 32.28 -5.24 -0.51
C LEU A 268 31.00 -4.48 -0.19
N MET B 1 -17.44 30.20 -21.07
CA MET B 1 -16.57 31.11 -20.24
C MET B 1 -15.08 30.82 -20.45
N ASN B 2 -14.29 30.93 -19.37
CA ASN B 2 -12.90 31.33 -19.44
C ASN B 2 -12.04 30.62 -18.42
N ILE B 3 -11.66 29.37 -18.72
CA ILE B 3 -11.11 28.41 -17.74
C ILE B 3 -9.95 27.72 -18.40
N GLU B 4 -8.72 27.95 -17.91
CA GLU B 4 -7.52 27.36 -18.44
C GLU B 4 -7.67 25.85 -18.62
N LYS B 5 -7.07 25.27 -19.67
CA LYS B 5 -7.30 23.88 -19.99
C LYS B 5 -6.68 22.94 -18.96
N THR B 6 -5.56 23.32 -18.34
CA THR B 6 -5.00 22.39 -17.37
C THR B 6 -5.64 22.39 -15.97
N ARG B 7 -6.78 23.08 -15.83
CA ARG B 7 -7.66 22.90 -14.66
C ARG B 7 -8.57 21.69 -14.93
N PHE B 8 -8.43 21.12 -16.10
CA PHE B 8 -9.26 19.98 -16.35
C PHE B 8 -8.54 18.69 -15.95
N CYS B 9 -9.30 17.73 -15.45
CA CYS B 9 -8.76 16.53 -14.86
C CYS B 9 -9.69 15.43 -15.26
N ILE B 10 -9.12 14.28 -15.58
CA ILE B 10 -9.94 13.18 -16.07
C ILE B 10 -10.03 12.07 -15.04
N ASN B 11 -11.22 11.80 -14.53
CA ASN B 11 -11.36 10.74 -13.58
C ASN B 11 -11.42 9.36 -14.24
N ARG B 12 -10.60 8.44 -13.75
CA ARG B 12 -10.52 7.13 -14.33
C ARG B 12 -11.82 6.41 -14.46
N LYS B 13 -12.86 6.86 -13.77
CA LYS B 13 -14.14 6.20 -13.89
C LYS B 13 -14.70 6.21 -15.32
N ILE B 14 -14.19 7.12 -16.14
CA ILE B 14 -14.72 7.29 -17.50
C ILE B 14 -14.26 6.21 -18.52
N ALA B 15 -13.27 5.41 -18.15
CA ALA B 15 -12.54 4.46 -19.02
C ALA B 15 -12.47 3.10 -18.30
N PRO B 16 -13.64 2.57 -17.98
CA PRO B 16 -13.64 1.33 -17.19
C PRO B 16 -12.76 0.25 -17.81
N GLY B 17 -12.69 0.19 -19.14
CA GLY B 17 -11.89 -0.82 -19.83
C GLY B 17 -10.52 -0.40 -20.38
N LEU B 18 -9.89 0.67 -19.91
CA LEU B 18 -8.45 0.82 -20.21
C LEU B 18 -7.49 0.38 -19.06
N SER B 19 -6.36 -0.13 -19.44
CA SER B 19 -5.30 -0.34 -18.52
C SER B 19 -4.94 1.07 -18.06
N ILE B 20 -4.34 1.20 -16.88
CA ILE B 20 -3.75 2.47 -16.43
C ILE B 20 -2.86 3.21 -17.45
N GLU B 21 -2.02 2.45 -18.19
CA GLU B 21 -1.15 2.99 -19.27
C GLU B 21 -1.95 3.49 -20.50
N ALA B 22 -2.98 2.73 -20.91
CA ALA B 22 -3.94 3.22 -21.91
C ALA B 22 -4.65 4.49 -21.44
N PHE B 23 -5.24 4.47 -20.23
CA PHE B 23 -5.91 5.64 -19.63
C PHE B 23 -4.92 6.79 -19.62
N PHE B 24 -3.78 6.63 -18.97
CA PHE B 24 -2.83 7.72 -18.99
C PHE B 24 -2.52 8.23 -20.38
N ARG B 25 -2.22 7.31 -21.31
CA ARG B 25 -1.73 7.62 -22.67
C ARG B 25 -2.79 8.50 -23.34
N LEU B 26 -3.99 7.97 -23.36
CA LEU B 26 -5.13 8.74 -23.76
C LEU B 26 -5.11 10.18 -23.17
N VAL B 27 -4.89 10.30 -21.86
CA VAL B 27 -4.99 11.61 -21.24
C VAL B 27 -4.03 12.56 -21.92
N LYS B 28 -2.81 12.10 -22.12
CA LYS B 28 -1.75 12.91 -22.68
C LYS B 28 -2.09 13.23 -24.12
N ARG B 29 -2.68 12.32 -24.89
CA ARG B 29 -2.86 12.71 -26.28
C ARG B 29 -3.68 13.99 -26.22
N LEU B 30 -4.69 13.97 -25.35
CA LEU B 30 -5.67 15.08 -25.19
C LEU B 30 -5.07 16.28 -24.53
N GLU B 31 -3.78 16.20 -24.23
CA GLU B 31 -3.03 17.31 -23.65
C GLU B 31 -3.43 17.76 -22.24
N PHE B 32 -4.32 17.00 -21.62
CA PHE B 32 -4.62 17.21 -20.21
C PHE B 32 -3.54 16.58 -19.31
N ASN B 33 -3.47 16.99 -18.07
CA ASN B 33 -2.35 16.56 -17.27
C ASN B 33 -2.72 16.20 -15.81
N LYS B 34 -4.01 15.94 -15.59
CA LYS B 34 -4.52 15.66 -14.23
C LYS B 34 -5.49 14.49 -14.32
N VAL B 35 -5.29 13.46 -13.52
CA VAL B 35 -6.26 12.35 -13.48
C VAL B 35 -6.48 11.99 -12.04
N GLU B 36 -7.50 11.18 -11.84
CA GLU B 36 -7.72 10.53 -10.58
C GLU B 36 -7.71 8.99 -10.76
N LEU B 37 -7.08 8.27 -9.81
CA LEU B 37 -7.19 6.79 -9.67
C LEU B 37 -8.33 6.46 -8.72
N ARG B 38 -8.71 5.18 -8.64
CA ARG B 38 -9.93 4.75 -7.96
C ARG B 38 -9.70 3.31 -7.53
N ASN B 39 -10.28 2.92 -6.40
CA ASN B 39 -10.25 1.51 -6.05
C ASN B 39 -11.59 0.84 -6.45
N ASP B 40 -12.30 1.31 -7.47
CA ASP B 40 -13.58 0.69 -7.79
C ASP B 40 -13.70 0.50 -9.29
N MET B 41 -12.57 0.38 -9.95
CA MET B 41 -12.59 -0.12 -11.28
C MET B 41 -12.86 -1.62 -11.24
N PRO B 42 -12.94 -2.28 -12.39
CA PRO B 42 -13.14 -3.71 -12.16
C PRO B 42 -12.05 -4.44 -11.32
N SER B 43 -10.84 -3.92 -11.28
CA SER B 43 -9.76 -4.59 -10.57
C SER B 43 -9.89 -4.54 -9.03
N GLY B 44 -10.56 -3.50 -8.54
CA GLY B 44 -10.67 -3.18 -7.13
C GLY B 44 -9.35 -2.75 -6.54
N SER B 45 -8.43 -2.26 -7.36
CA SER B 45 -7.14 -1.91 -6.85
C SER B 45 -6.76 -0.56 -7.44
N VAL B 46 -6.40 0.43 -6.62
CA VAL B 46 -5.94 1.66 -7.24
C VAL B 46 -4.93 1.47 -8.37
N THR B 47 -4.03 0.50 -8.18
CA THR B 47 -2.97 0.22 -9.21
C THR B 47 -3.29 -0.92 -10.19
N ASP B 48 -4.51 -1.42 -10.24
CA ASP B 48 -4.80 -2.74 -10.87
C ASP B 48 -3.76 -3.75 -10.38
N ASP B 49 -2.99 -4.33 -11.31
CA ASP B 49 -1.96 -5.34 -10.95
C ASP B 49 -0.58 -4.77 -10.76
N LEU B 50 -0.38 -3.50 -11.11
CA LEU B 50 0.88 -2.83 -11.01
C LEU B 50 1.37 -2.48 -9.59
N ASN B 51 2.66 -2.46 -9.35
CA ASN B 51 3.11 -1.87 -8.12
C ASN B 51 3.09 -0.29 -8.25
N TYR B 52 3.42 0.37 -7.14
CA TYR B 52 3.39 1.84 -7.03
C TYR B 52 4.35 2.48 -7.96
N ASN B 53 5.52 1.88 -8.03
CA ASN B 53 6.61 2.46 -8.80
C ASN B 53 6.34 2.42 -10.30
N GLN B 54 5.58 1.45 -10.77
CA GLN B 54 5.18 1.50 -12.16
C GLN B 54 4.12 2.56 -12.39
N VAL B 55 3.22 2.73 -11.41
CA VAL B 55 2.15 3.68 -11.59
C VAL B 55 2.79 5.05 -11.54
N ARG B 56 3.70 5.24 -10.60
CA ARG B 56 4.39 6.52 -10.52
C ARG B 56 5.14 6.84 -11.83
N ASN B 57 5.91 5.87 -12.33
CA ASN B 57 6.65 6.10 -13.59
C ASN B 57 5.73 6.40 -14.78
N LEU B 58 4.65 5.63 -14.92
CA LEU B 58 3.70 5.91 -15.97
C LEU B 58 3.23 7.33 -15.89
N ALA B 59 2.89 7.77 -14.67
CA ALA B 59 2.48 9.18 -14.46
C ALA B 59 3.50 10.16 -15.05
N GLU B 60 4.77 10.02 -14.66
CA GLU B 60 5.86 10.94 -14.98
C GLU B 60 6.08 10.89 -16.44
N LYS B 61 5.96 9.69 -17.01
CA LYS B 61 6.17 9.58 -18.45
C LYS B 61 5.11 10.36 -19.22
N TYR B 62 3.84 10.28 -18.79
CA TYR B 62 2.77 10.93 -19.53
C TYR B 62 2.47 12.39 -19.08
N GLY B 63 3.37 12.95 -18.27
CA GLY B 63 3.21 14.31 -17.75
C GLY B 63 2.02 14.50 -16.82
N LEU B 64 1.78 13.54 -15.91
CA LEU B 64 0.50 13.54 -15.20
C LEU B 64 0.55 13.71 -13.70
N GLU B 65 -0.32 14.57 -13.18
CA GLU B 65 -0.51 14.61 -11.72
C GLU B 65 -1.69 13.72 -11.38
N ILE B 66 -1.45 12.70 -10.53
CA ILE B 66 -2.58 11.98 -9.95
C ILE B 66 -3.11 12.92 -8.89
N VAL B 67 -4.19 13.62 -9.22
CA VAL B 67 -4.79 14.53 -8.27
C VAL B 67 -5.36 13.85 -7.03
N THR B 68 -6.08 12.74 -7.21
CA THR B 68 -6.61 12.06 -6.06
C THR B 68 -6.70 10.55 -6.19
N ILE B 69 -7.13 9.89 -5.11
CA ILE B 69 -7.76 8.60 -5.22
C ILE B 69 -9.21 8.67 -4.72
N ASN B 70 -10.15 8.12 -5.48
CA ASN B 70 -11.47 7.84 -5.00
C ASN B 70 -11.55 6.38 -4.64
N ALA B 71 -12.14 6.03 -3.49
CA ALA B 71 -12.42 6.94 -2.38
C ALA B 71 -12.41 6.10 -1.09
N VAL B 72 -12.25 6.74 0.08
CA VAL B 72 -12.51 6.07 1.37
C VAL B 72 -14.01 6.03 1.57
N TYR B 73 -14.56 4.84 1.82
CA TYR B 73 -15.98 4.77 2.17
C TYR B 73 -16.27 3.76 3.29
N PRO B 74 -17.03 4.14 4.34
CA PRO B 74 -17.72 5.34 4.76
C PRO B 74 -16.95 6.02 5.90
N PHE B 75 -16.46 7.21 5.66
CA PHE B 75 -15.41 7.78 6.55
C PHE B 75 -16.00 8.17 7.88
N ASN B 76 -17.31 8.26 7.82
CA ASN B 76 -18.29 8.74 8.74
C ASN B 76 -18.72 7.66 9.76
N GLN B 77 -18.37 6.37 9.48
CA GLN B 77 -18.78 5.21 10.31
C GLN B 77 -17.52 4.48 10.46
N LEU B 78 -16.72 4.91 11.40
CA LEU B 78 -15.32 4.80 11.24
C LEU B 78 -14.79 3.75 12.18
N THR B 79 -15.13 2.51 11.88
CA THR B 79 -14.60 1.39 12.70
C THR B 79 -13.11 1.25 12.53
N GLU B 80 -12.46 0.48 13.40
CA GLU B 80 -11.03 0.17 13.22
C GLU B 80 -10.71 -0.52 11.90
N GLU B 81 -11.70 -1.18 11.28
CA GLU B 81 -11.51 -1.73 10.00
C GLU B 81 -11.48 -0.64 8.88
N VAL B 82 -12.45 0.27 8.86
CA VAL B 82 -12.35 1.39 7.91
C VAL B 82 -11.03 2.20 8.11
N VAL B 83 -10.60 2.43 9.36
CA VAL B 83 -9.27 3.02 9.60
C VAL B 83 -8.19 2.24 8.92
N LYS B 84 -8.09 0.92 9.11
CA LYS B 84 -7.29 0.01 8.21
C LYS B 84 -7.42 0.22 6.69
N LYS B 85 -8.65 0.20 6.20
CA LYS B 85 -8.86 0.33 4.78
C LYS B 85 -8.42 1.72 4.40
N THR B 86 -8.62 2.72 5.27
CA THR B 86 -8.12 4.05 5.05
C THR B 86 -6.59 4.10 5.04
N GLU B 87 -5.91 3.46 5.98
CA GLU B 87 -4.46 3.46 5.85
C GLU B 87 -4.00 2.72 4.56
N GLY B 88 -4.67 1.67 4.15
CA GLY B 88 -4.32 1.06 2.92
C GLY B 88 -4.33 2.12 1.82
N LEU B 89 -5.43 2.87 1.69
CA LEU B 89 -5.52 3.75 0.55
C LEU B 89 -4.54 4.95 0.71
N LEU B 90 -4.13 5.25 1.93
CA LEU B 90 -3.19 6.37 2.09
C LEU B 90 -1.78 5.95 1.64
N ARG B 91 -1.49 4.67 1.87
CA ARG B 91 -0.31 4.04 1.27
C ARG B 91 -0.39 3.99 -0.26
N ASP B 92 -1.58 3.84 -0.84
CA ASP B 92 -1.68 3.85 -2.30
C ASP B 92 -1.42 5.28 -2.83
N ALA B 93 -2.05 6.27 -2.20
CA ALA B 93 -1.80 7.68 -2.54
C ALA B 93 -0.30 8.13 -2.43
N GLN B 94 0.34 7.85 -1.32
CA GLN B 94 1.74 8.04 -1.16
C GLN B 94 2.52 7.32 -2.29
N GLY B 95 2.20 6.06 -2.55
CA GLY B 95 2.96 5.27 -3.50
C GLY B 95 2.89 5.85 -4.90
N VAL B 96 1.68 6.16 -5.33
CA VAL B 96 1.40 6.60 -6.69
C VAL B 96 1.61 8.09 -6.87
N GLY B 97 1.80 8.75 -5.72
CA GLY B 97 1.94 10.16 -5.63
C GLY B 97 0.63 10.86 -5.81
N ALA B 98 -0.47 10.33 -5.28
CA ALA B 98 -1.70 11.14 -5.29
C ALA B 98 -1.65 12.14 -4.16
N ARG B 99 -2.33 13.25 -4.32
CA ARG B 99 -2.17 14.41 -3.45
C ARG B 99 -3.24 14.35 -2.35
N ALA B 100 -4.37 13.69 -2.65
CA ALA B 100 -5.52 13.61 -1.75
C ALA B 100 -6.30 12.32 -1.90
N LEU B 101 -6.96 11.95 -0.83
CA LEU B 101 -7.76 10.77 -0.86
C LEU B 101 -9.18 11.28 -0.66
N VAL B 102 -10.16 10.81 -1.42
CA VAL B 102 -11.49 11.41 -1.32
C VAL B 102 -12.11 10.53 -0.30
N LEU B 103 -12.89 11.14 0.59
CA LEU B 103 -13.64 10.52 1.69
C LEU B 103 -15.11 10.70 1.41
N CYS B 104 -15.89 9.61 1.30
CA CYS B 104 -17.39 9.65 1.12
C CYS B 104 -18.22 9.22 2.37
N PRO B 105 -19.31 9.90 2.70
CA PRO B 105 -19.86 9.47 4.00
C PRO B 105 -20.76 8.20 4.02
N LEU B 106 -21.21 7.78 5.17
CA LEU B 106 -22.18 6.73 5.17
C LEU B 106 -23.41 7.12 4.35
N ASN B 107 -23.96 6.10 3.67
CA ASN B 107 -24.95 6.28 2.63
C ASN B 107 -25.97 5.18 2.53
N ASP B 108 -26.59 4.92 3.67
CA ASP B 108 -27.45 3.79 3.68
C ASP B 108 -28.72 3.96 4.53
N GLY B 109 -29.14 5.20 4.78
CA GLY B 109 -30.36 5.50 5.55
C GLY B 109 -30.11 5.63 7.05
N THR B 110 -28.91 5.21 7.46
CA THR B 110 -28.45 5.41 8.81
C THR B 110 -28.07 6.89 8.96
N ILE B 111 -28.69 7.57 9.91
CA ILE B 111 -28.24 8.89 10.39
C ILE B 111 -26.86 8.79 11.06
N VAL B 112 -25.96 9.71 10.73
CA VAL B 112 -24.70 9.81 11.48
C VAL B 112 -24.72 11.20 12.10
N PRO B 113 -24.92 11.29 13.42
CA PRO B 113 -24.92 12.58 14.06
C PRO B 113 -23.81 13.56 13.59
N PRO B 114 -24.16 14.84 13.41
CA PRO B 114 -22.98 15.65 13.06
C PRO B 114 -21.83 15.50 14.04
N GLU B 115 -22.07 15.24 15.31
CA GLU B 115 -20.89 15.01 16.19
C GLU B 115 -20.01 13.79 15.80
N VAL B 116 -20.59 12.73 15.23
CA VAL B 116 -19.80 11.60 14.85
C VAL B 116 -19.00 11.93 13.59
N THR B 117 -19.60 12.69 12.67
CA THR B 117 -18.83 13.08 11.48
C THR B 117 -17.65 13.97 11.91
N VAL B 118 -17.89 14.91 12.82
CA VAL B 118 -16.77 15.75 13.34
C VAL B 118 -15.64 14.90 13.94
N GLU B 119 -15.94 14.02 14.85
CA GLU B 119 -14.91 13.09 15.39
C GLU B 119 -14.15 12.37 14.29
N ALA B 120 -14.89 11.83 13.30
CA ALA B 120 -14.29 11.16 12.19
C ALA B 120 -13.41 12.11 11.42
N ILE B 121 -13.87 13.33 11.15
CA ILE B 121 -13.02 14.28 10.44
C ILE B 121 -11.80 14.54 11.26
N LYS B 122 -11.94 14.61 12.56
CA LYS B 122 -10.69 14.75 13.32
C LYS B 122 -9.78 13.53 13.24
N ARG B 123 -10.29 12.33 13.46
CA ARG B 123 -9.37 11.19 13.55
C ARG B 123 -8.62 11.07 12.20
N LEU B 124 -9.34 11.38 11.13
CA LEU B 124 -8.82 11.14 9.85
C LEU B 124 -7.78 12.16 9.46
N SER B 125 -7.92 13.39 9.98
CA SER B 125 -7.02 14.48 9.64
C SER B 125 -5.70 14.15 10.27
N ASP B 126 -5.74 13.83 11.53
CA ASP B 126 -4.49 13.39 12.18
C ASP B 126 -3.77 12.38 11.32
N LEU B 127 -4.56 11.47 10.78
CA LEU B 127 -4.06 10.34 10.11
C LEU B 127 -3.64 10.79 8.72
N PHE B 128 -4.48 11.43 7.94
CA PHE B 128 -4.00 11.93 6.66
C PHE B 128 -2.66 12.68 6.80
N ALA B 129 -2.54 13.53 7.83
CA ALA B 129 -1.32 14.30 8.00
C ALA B 129 -0.06 13.41 8.25
N ARG B 130 -0.23 12.28 8.93
CA ARG B 130 0.90 11.29 9.08
C ARG B 130 1.51 10.87 7.73
N TYR B 131 0.71 10.82 6.67
CA TYR B 131 1.09 10.31 5.37
C TYR B 131 1.17 11.45 4.38
N ASP B 132 0.99 12.70 4.80
CA ASP B 132 0.96 13.82 3.81
C ASP B 132 0.03 13.73 2.68
N ILE B 133 -1.16 13.22 2.93
CA ILE B 133 -2.14 13.27 1.91
C ILE B 133 -3.16 14.28 2.33
N GLN B 134 -3.68 15.05 1.40
CA GLN B 134 -4.83 15.91 1.71
C GLN B 134 -6.18 15.17 1.68
N GLY B 135 -7.15 15.60 2.51
CA GLY B 135 -8.54 15.06 2.54
C GLY B 135 -9.57 15.84 1.63
N LEU B 136 -10.44 15.07 0.97
CA LEU B 136 -11.51 15.66 0.25
C LEU B 136 -12.83 15.05 0.72
N VAL B 137 -13.71 15.87 1.32
CA VAL B 137 -14.98 15.29 1.79
C VAL B 137 -15.95 15.52 0.69
N GLU B 138 -16.45 14.42 0.10
CA GLU B 138 -17.56 14.51 -0.90
C GLU B 138 -18.94 14.24 -0.31
N PRO B 139 -19.74 15.27 -0.06
CA PRO B 139 -21.07 14.97 0.37
C PRO B 139 -21.72 14.23 -0.77
N LEU B 140 -22.63 13.33 -0.44
CA LEU B 140 -23.32 12.56 -1.46
C LEU B 140 -24.80 13.04 -1.42
N GLY B 141 -25.43 13.27 -2.59
CA GLY B 141 -26.69 14.01 -2.65
C GLY B 141 -27.83 13.06 -2.50
N PHE B 142 -27.57 11.74 -2.59
CA PHE B 142 -28.66 10.74 -2.37
C PHE B 142 -29.47 10.97 -1.14
N ARG B 143 -30.75 10.67 -1.23
CA ARG B 143 -31.59 10.76 -0.03
C ARG B 143 -31.13 9.86 1.16
N VAL B 144 -30.49 8.74 0.86
CA VAL B 144 -30.00 7.82 1.90
C VAL B 144 -28.66 8.30 2.55
N SER B 145 -28.04 9.38 1.98
CA SER B 145 -26.70 9.90 2.39
C SER B 145 -26.69 10.59 3.76
N SER B 146 -25.69 10.30 4.57
CA SER B 146 -25.69 10.83 5.90
C SER B 146 -25.12 12.22 5.85
N LEU B 147 -24.61 12.66 4.71
CA LEU B 147 -24.12 14.04 4.63
C LEU B 147 -24.30 14.49 3.19
N ARG B 148 -25.31 15.28 2.99
CA ARG B 148 -25.73 15.63 1.65
C ARG B 148 -25.29 17.06 1.27
N SER B 149 -25.23 17.95 2.23
CA SER B 149 -25.02 19.37 2.06
C SER B 149 -23.59 19.78 2.20
N ALA B 150 -22.99 20.18 1.05
CA ALA B 150 -21.66 20.82 1.03
C ALA B 150 -21.43 21.99 2.08
N VAL B 151 -22.48 22.72 2.42
CA VAL B 151 -22.33 23.86 3.27
C VAL B 151 -22.19 23.28 4.67
N TRP B 152 -23.03 22.31 5.03
CA TRP B 152 -22.86 21.63 6.30
C TRP B 152 -21.54 20.87 6.40
N ALA B 153 -21.13 20.27 5.32
CA ALA B 153 -19.86 19.63 5.41
C ALA B 153 -18.69 20.59 5.66
N GLN B 154 -18.64 21.74 4.99
CA GLN B 154 -17.53 22.64 5.26
C GLN B 154 -17.74 23.01 6.67
N GLN B 155 -18.98 23.07 7.11
CA GLN B 155 -19.10 23.55 8.49
C GLN B 155 -18.49 22.64 9.54
N LEU B 156 -18.63 21.33 9.34
CA LEU B 156 -18.14 20.34 10.29
C LEU B 156 -16.58 20.24 10.24
N ILE B 157 -16.01 20.37 9.02
CA ILE B 157 -14.55 20.46 8.84
C ILE B 157 -14.03 21.57 9.73
N ARG B 158 -14.68 22.73 9.67
CA ARG B 158 -14.30 23.81 10.54
C ARG B 158 -14.42 23.36 11.99
N GLU B 159 -15.50 22.70 12.42
CA GLU B 159 -15.66 22.33 13.87
C GLU B 159 -14.57 21.28 14.30
N ALA B 160 -14.16 20.43 13.37
CA ALA B 160 -13.02 19.60 13.57
C ALA B 160 -11.65 20.32 13.60
N GLY B 161 -11.57 21.58 13.21
CA GLY B 161 -10.27 22.22 12.95
C GLY B 161 -9.41 21.57 11.86
N SER B 162 -10.03 21.04 10.81
CA SER B 162 -9.32 20.30 9.73
C SER B 162 -8.88 21.15 8.60
N PRO B 163 -7.79 20.76 7.95
CA PRO B 163 -7.36 21.40 6.74
C PRO B 163 -8.08 20.86 5.53
N PHE B 164 -8.85 19.81 5.67
CA PHE B 164 -9.63 19.21 4.62
C PHE B 164 -10.52 20.19 3.91
N LYS B 165 -10.89 19.88 2.67
CA LYS B 165 -11.71 20.78 1.93
C LYS B 165 -12.81 19.92 1.42
N VAL B 166 -13.86 20.54 0.88
CA VAL B 166 -14.91 19.74 0.31
C VAL B 166 -14.71 19.46 -1.18
N LEU B 167 -15.12 18.29 -1.62
CA LEU B 167 -15.19 18.02 -3.03
C LEU B 167 -16.67 18.17 -3.43
N LEU B 168 -16.90 19.10 -4.36
CA LEU B 168 -18.20 19.50 -4.89
C LEU B 168 -18.53 18.69 -6.10
N ASP B 169 -19.62 17.96 -6.07
CA ASP B 169 -19.94 17.05 -7.21
C ASP B 169 -21.31 17.40 -7.82
N THR B 170 -21.30 17.91 -9.02
CA THR B 170 -22.50 18.51 -9.54
C THR B 170 -23.67 17.53 -9.46
N PHE B 171 -23.42 16.27 -9.76
CA PHE B 171 -24.48 15.24 -9.53
C PHE B 171 -25.03 15.23 -8.08
N HIS B 172 -24.13 15.16 -7.10
CA HIS B 172 -24.49 15.19 -5.70
C HIS B 172 -25.19 16.41 -5.28
N HIS B 173 -24.69 17.55 -5.73
CA HIS B 173 -25.36 18.79 -5.62
C HIS B 173 -26.80 18.78 -6.17
N HIS B 174 -26.97 18.43 -7.41
CA HIS B 174 -28.31 18.14 -8.00
C HIS B 174 -29.19 17.22 -7.20
N LEU B 175 -28.69 16.11 -6.65
CA LEU B 175 -29.60 15.18 -5.93
C LEU B 175 -30.14 15.74 -4.66
N TYR B 176 -29.35 16.66 -4.10
CA TYR B 176 -29.76 17.34 -2.87
C TYR B 176 -30.67 18.55 -3.05
N GLU B 177 -31.96 18.32 -2.99
CA GLU B 177 -32.88 19.38 -3.40
C GLU B 177 -33.00 20.43 -2.35
N GLU B 178 -32.04 20.56 -1.45
CA GLU B 178 -32.09 21.66 -0.49
C GLU B 178 -30.86 22.56 -0.64
N ALA B 179 -30.02 22.20 -1.56
CA ALA B 179 -28.76 22.86 -1.66
C ALA B 179 -28.92 24.35 -2.01
N GLU B 180 -29.83 24.64 -2.94
CA GLU B 180 -30.01 25.96 -3.53
C GLU B 180 -30.44 26.91 -2.46
N LYS B 181 -31.15 26.38 -1.47
CA LYS B 181 -31.67 27.22 -0.44
C LYS B 181 -30.51 27.89 0.28
N GLU B 182 -29.30 27.30 0.19
CA GLU B 182 -28.12 27.73 1.08
C GLU B 182 -26.83 27.93 0.32
N PHE B 183 -26.70 27.27 -0.81
CA PHE B 183 -25.40 27.12 -1.46
C PHE B 183 -24.88 28.52 -1.83
N ALA B 184 -25.54 29.23 -2.77
CA ALA B 184 -25.08 30.57 -3.18
C ALA B 184 -24.63 31.45 -2.01
N SER B 185 -25.48 31.65 -1.00
CA SER B 185 -25.13 32.57 0.13
C SER B 185 -24.10 32.01 1.10
N ARG B 186 -24.01 30.68 1.24
CA ARG B 186 -23.19 30.21 2.37
C ARG B 186 -21.97 29.41 1.98
N ILE B 187 -21.93 28.71 0.83
CA ILE B 187 -20.69 28.05 0.36
C ILE B 187 -19.40 28.85 0.60
N ASP B 188 -18.35 28.16 1.01
CA ASP B 188 -17.08 28.85 1.19
C ASP B 188 -16.18 28.35 0.12
N ILE B 189 -15.91 29.17 -0.88
CA ILE B 189 -15.26 28.68 -2.08
C ILE B 189 -13.86 28.14 -1.87
N SER B 190 -13.13 28.83 -1.02
CA SER B 190 -11.75 28.53 -0.84
C SER B 190 -11.63 27.17 -0.15
N ALA B 191 -12.78 26.59 0.21
CA ALA B 191 -12.84 25.40 1.03
C ALA B 191 -13.36 24.33 0.12
N ILE B 192 -13.37 24.62 -1.18
CA ILE B 192 -13.74 23.61 -2.14
C ILE B 192 -12.45 23.14 -2.78
N GLY B 193 -12.04 21.90 -2.52
CA GLY B 193 -10.76 21.55 -3.01
C GLY B 193 -10.83 20.88 -4.35
N LEU B 194 -12.04 20.53 -4.84
CA LEU B 194 -12.13 19.94 -6.20
C LEU B 194 -13.52 19.81 -6.70
N VAL B 195 -13.74 19.80 -8.00
CA VAL B 195 -15.12 19.66 -8.45
C VAL B 195 -15.34 18.46 -9.35
N HIS B 196 -16.32 17.64 -9.07
CA HIS B 196 -16.62 16.52 -9.94
C HIS B 196 -17.72 16.86 -10.91
N LEU B 197 -17.47 16.70 -12.21
CA LEU B 197 -18.55 16.92 -13.23
C LEU B 197 -19.01 15.66 -13.90
N SER B 198 -20.30 15.56 -14.18
CA SER B 198 -20.75 14.54 -15.11
C SER B 198 -22.14 14.95 -15.46
N GLY B 199 -22.63 14.55 -16.63
CA GLY B 199 -23.98 14.96 -17.06
C GLY B 199 -24.99 13.87 -16.81
N VAL B 200 -26.25 14.25 -16.66
CA VAL B 200 -27.32 13.29 -16.69
C VAL B 200 -28.35 13.77 -17.70
N GLU B 201 -28.71 12.89 -18.62
CA GLU B 201 -29.69 13.25 -19.65
C GLU B 201 -30.98 12.57 -19.34
N ASP B 202 -30.86 11.45 -18.69
CA ASP B 202 -32.08 10.76 -18.32
C ASP B 202 -33.00 11.71 -17.51
N THR B 203 -34.31 11.52 -17.61
CA THR B 203 -35.32 12.53 -17.14
C THR B 203 -36.28 12.04 -16.00
N ARG B 204 -35.99 10.85 -15.45
CA ARG B 204 -36.69 10.32 -14.26
C ARG B 204 -36.58 11.21 -13.02
N PRO B 205 -37.55 11.04 -12.12
CA PRO B 205 -37.57 11.94 -10.98
C PRO B 205 -36.17 11.89 -10.36
N THR B 206 -35.48 13.03 -10.39
CA THR B 206 -34.32 13.32 -9.53
C THR B 206 -34.03 12.34 -8.31
N GLU B 207 -35.01 12.13 -7.43
CA GLU B 207 -34.82 11.31 -6.27
C GLU B 207 -34.73 9.85 -6.64
N ALA B 208 -34.87 9.49 -7.93
CA ALA B 208 -34.69 8.07 -8.35
C ALA B 208 -33.41 7.87 -9.16
N LEU B 209 -32.85 8.98 -9.61
CA LEU B 209 -31.53 9.00 -10.23
C LEU B 209 -30.47 8.19 -9.45
N ALA B 210 -29.51 7.64 -10.17
CA ALA B 210 -28.49 6.76 -9.62
C ALA B 210 -27.22 6.96 -10.39
N ASP B 211 -26.12 6.42 -9.91
CA ASP B 211 -24.88 6.52 -10.70
C ASP B 211 -25.07 6.00 -12.13
N GLU B 212 -26.02 5.03 -12.34
CA GLU B 212 -26.25 4.47 -13.69
C GLU B 212 -26.51 5.58 -14.73
N GLN B 213 -27.33 6.60 -14.37
CA GLN B 213 -27.59 7.73 -15.28
C GLN B 213 -26.38 8.67 -15.58
N ARG B 214 -25.22 8.46 -14.99
CA ARG B 214 -24.22 9.52 -15.00
C ARG B 214 -23.29 9.39 -16.14
N ILE B 215 -23.44 10.28 -17.14
CA ILE B 215 -22.58 10.25 -18.36
C ILE B 215 -21.86 11.54 -18.40
N MET B 216 -21.54 12.05 -19.58
CA MET B 216 -20.73 13.29 -19.66
C MET B 216 -21.53 14.49 -20.14
N LEU B 217 -20.88 15.61 -20.39
CA LEU B 217 -21.66 16.81 -20.86
C LEU B 217 -22.30 16.88 -22.32
N SER B 218 -23.33 17.75 -22.46
CA SER B 218 -24.07 17.97 -23.70
C SER B 218 -25.31 18.79 -23.35
N GLU B 219 -25.82 19.63 -24.27
CA GLU B 219 -26.89 20.59 -23.89
C GLU B 219 -28.25 19.95 -23.61
N LYS B 220 -28.23 18.71 -23.15
CA LYS B 220 -29.49 18.05 -22.73
C LYS B 220 -29.30 17.42 -21.32
N ASP B 221 -28.10 17.65 -20.79
CA ASP B 221 -27.84 17.57 -19.36
C ASP B 221 -28.95 18.26 -18.57
N VAL B 222 -29.53 17.47 -17.71
CA VAL B 222 -30.63 17.92 -16.88
C VAL B 222 -30.27 18.70 -15.58
N MET B 223 -28.97 18.86 -15.30
CA MET B 223 -28.44 19.16 -13.93
C MET B 223 -27.71 20.46 -13.90
N GLN B 224 -27.77 21.18 -15.00
CA GLN B 224 -27.23 22.49 -15.05
C GLN B 224 -25.82 22.46 -14.59
N ASN B 225 -25.08 21.51 -15.13
CA ASN B 225 -23.64 21.59 -15.07
C ASN B 225 -23.11 22.97 -15.52
N TYR B 226 -23.54 23.45 -16.69
CA TYR B 226 -23.00 24.72 -17.20
C TYR B 226 -23.11 25.84 -16.17
N GLN B 227 -24.34 26.10 -15.72
CA GLN B 227 -24.61 27.13 -14.72
C GLN B 227 -23.90 26.83 -13.38
N GLN B 228 -23.87 25.55 -12.98
CA GLN B 228 -23.03 25.19 -11.82
C GLN B 228 -21.60 25.72 -11.94
N VAL B 229 -20.97 25.44 -13.05
CA VAL B 229 -19.62 25.90 -13.26
C VAL B 229 -19.56 27.43 -13.34
N GLN B 230 -20.65 28.04 -13.81
CA GLN B 230 -20.65 29.48 -14.05
C GLN B 230 -20.61 30.22 -12.74
N ARG B 231 -21.47 29.78 -11.81
CA ARG B 231 -21.50 30.29 -10.43
C ARG B 231 -20.11 30.02 -9.87
N LEU B 232 -19.62 28.79 -10.11
CA LEU B 232 -18.33 28.44 -9.52
C LEU B 232 -17.31 29.52 -9.90
N GLU B 233 -17.24 29.79 -11.20
CA GLU B 233 -16.25 30.76 -11.79
C GLU B 233 -16.56 32.22 -11.38
N ASN B 234 -17.80 32.71 -11.54
CA ASN B 234 -18.12 34.01 -10.90
C ASN B 234 -17.57 34.02 -9.45
N MET B 235 -18.08 33.15 -8.59
CA MET B 235 -17.73 33.19 -7.16
C MET B 235 -16.27 32.98 -6.83
N GLY B 236 -15.44 32.72 -7.84
CA GLY B 236 -13.98 32.82 -7.63
C GLY B 236 -13.20 31.53 -7.56
N TYR B 237 -13.76 30.50 -8.19
CA TYR B 237 -13.16 29.18 -8.16
C TYR B 237 -12.02 29.10 -9.11
N ARG B 238 -10.95 28.50 -8.65
CA ARG B 238 -9.72 28.52 -9.40
C ARG B 238 -9.16 27.09 -9.41
N GLY B 239 -9.84 26.21 -8.69
CA GLY B 239 -9.36 24.86 -8.51
C GLY B 239 -9.80 24.07 -9.69
N ILE B 240 -9.65 22.75 -9.57
CA ILE B 240 -9.58 21.85 -10.70
C ILE B 240 -10.98 21.41 -11.02
N TYR B 241 -11.23 21.10 -12.30
CA TYR B 241 -12.55 20.56 -12.65
C TYR B 241 -12.43 19.15 -13.18
N ALA B 242 -13.03 18.16 -12.52
CA ALA B 242 -12.76 16.80 -12.94
C ALA B 242 -13.97 16.06 -13.46
N PHE B 243 -13.84 15.39 -14.61
CA PHE B 243 -15.03 14.70 -15.15
C PHE B 243 -15.09 13.26 -14.64
N GLU B 244 -16.31 12.84 -14.28
CA GLU B 244 -16.56 11.63 -13.54
C GLU B 244 -17.95 11.09 -13.80
N PRO B 245 -18.12 10.47 -14.97
CA PRO B 245 -19.35 9.70 -15.30
C PRO B 245 -19.27 8.32 -14.68
N PHE B 246 -20.39 7.62 -14.50
CA PHE B 246 -20.34 6.29 -13.86
C PHE B 246 -21.07 5.24 -14.72
N SER B 247 -21.70 5.66 -15.79
CA SER B 247 -22.66 4.79 -16.45
C SER B 247 -22.11 3.49 -17.11
N SER B 248 -22.94 2.44 -17.06
CA SER B 248 -22.66 1.17 -17.77
C SER B 248 -22.37 1.44 -19.24
N GLN B 249 -23.20 2.28 -19.87
CA GLN B 249 -22.81 3.01 -21.08
C GLN B 249 -21.33 3.16 -21.38
N LEU B 250 -20.56 3.61 -20.40
CA LEU B 250 -19.11 3.94 -20.56
C LEU B 250 -18.20 2.85 -21.10
N ALA B 251 -18.68 1.61 -20.99
CA ALA B 251 -17.95 0.44 -21.38
C ALA B 251 -18.03 0.22 -22.90
N SER B 252 -18.85 1.01 -23.58
CA SER B 252 -19.06 0.87 -25.03
C SER B 252 -18.12 1.81 -25.79
N TRP B 253 -17.38 2.62 -25.07
CA TRP B 253 -16.75 3.72 -25.72
C TRP B 253 -15.42 3.34 -26.22
N SER B 254 -15.16 3.65 -27.48
CA SER B 254 -13.85 3.37 -28.05
C SER B 254 -12.86 4.34 -27.39
N GLU B 255 -11.57 4.07 -27.44
CA GLU B 255 -10.67 5.06 -26.90
C GLU B 255 -10.96 6.38 -27.63
N ALA B 256 -11.91 6.37 -28.55
CA ALA B 256 -12.24 7.58 -29.26
C ALA B 256 -13.63 8.20 -28.96
N GLU B 257 -14.64 7.39 -28.64
CA GLU B 257 -15.87 7.91 -28.02
C GLU B 257 -15.49 8.60 -26.65
N ILE B 258 -14.65 7.98 -25.83
CA ILE B 258 -14.00 8.69 -24.71
C ILE B 258 -13.32 10.00 -25.16
N GLU B 259 -12.46 9.96 -26.15
CA GLU B 259 -11.85 11.23 -26.59
C GLU B 259 -12.81 12.32 -27.11
N GLU B 260 -13.94 11.91 -27.68
CA GLU B 260 -14.93 12.90 -28.20
C GLU B 260 -15.66 13.51 -27.02
N GLN B 261 -16.07 12.68 -26.05
CA GLN B 261 -16.83 13.20 -24.91
C GLN B 261 -16.03 14.18 -24.05
N ILE B 262 -14.86 13.81 -23.66
CA ILE B 262 -14.00 14.78 -22.99
C ILE B 262 -13.92 16.04 -23.82
N ASN B 263 -13.86 15.97 -25.14
CA ASN B 263 -13.66 17.22 -25.89
C ASN B 263 -14.99 17.97 -26.05
N ARG B 264 -16.10 17.30 -26.36
CA ARG B 264 -17.43 17.98 -26.36
C ARG B 264 -17.67 18.64 -25.04
N SER B 265 -17.79 17.85 -23.97
CA SER B 265 -17.87 18.29 -22.56
C SER B 265 -17.00 19.48 -22.22
N VAL B 266 -15.73 19.44 -22.58
CA VAL B 266 -14.89 20.56 -22.27
C VAL B 266 -15.30 21.76 -23.10
N SER B 267 -16.00 21.52 -24.22
CA SER B 267 -16.24 22.59 -25.14
C SER B 267 -17.45 23.32 -24.64
N LEU B 268 -18.53 22.56 -24.35
CA LEU B 268 -19.71 23.14 -23.65
C LEU B 268 -19.32 24.24 -22.63
N LEU B 269 -18.36 23.95 -21.74
CA LEU B 269 -18.06 24.89 -20.67
C LEU B 269 -17.47 26.14 -21.22
N LEU B 270 -16.36 25.93 -21.94
CA LEU B 270 -15.58 26.94 -22.66
C LEU B 270 -16.36 27.77 -23.68
N GLN B 271 -17.51 27.25 -24.14
CA GLN B 271 -18.46 28.01 -24.96
C GLN B 271 -18.75 29.45 -24.48
ZN ZN C . 15.10 -16.14 5.15
C ACT D . 2.82 -18.01 -5.97
O ACT D . 3.54 -18.95 -6.25
OXT ACT D . 3.37 -16.90 -6.01
CH3 ACT D . 1.40 -18.29 -5.59
ZN ZN E . -17.70 12.58 -7.36
C ACT F . -28.82 20.25 8.64
O ACT F . -27.67 20.06 9.02
OXT ACT F . -29.74 20.39 9.50
CH3 ACT F . -29.00 20.29 7.15
#